data_1EXJ
#
_entry.id   1EXJ
#
_cell.length_a   109.490
_cell.length_b   109.490
_cell.length_c   144.320
_cell.angle_alpha   90.00
_cell.angle_beta   90.00
_cell.angle_gamma   90.00
#
_symmetry.space_group_name_H-M   'P 43 2 2'
#
loop_
_entity.id
_entity.type
_entity.pdbx_description
1 polymer "DNA (5'-D(*AP*CP*CP*CP*TP*CP*CP*CP*CP*TP*TP*AP*GP*GP*GP*GP*AP*GP*GP*GP*T)-3')"
2 polymer 'MULTIDRUG-EFFLUX TRANSPORTER REGULATOR'
3 non-polymer 'SODIUM ION'
4 non-polymer 'ZINC ION'
5 non-polymer TETRAPHENYLPHOSPHONIUM
6 water water
#
loop_
_entity_poly.entity_id
_entity_poly.type
_entity_poly.pdbx_seq_one_letter_code
_entity_poly.pdbx_strand_id
1 'polydeoxyribonucleotide'
;(DA)(DC)(DC)(DC)(DT)(DC)(DC)(DC)(DC)(DT)(DT)(DA)(DG)(DG)(DG)(DG)(DA)(DG)(DG)(DG)
(DT)
;
M
2 'polypeptide(L)'
;MKESYYSIGEVSKLANVSIKALRYYDKIDLFKPAYVDPDTSYRYYTDSQLIHLDLIKSLKYIGTPLEEMKKAQDLEMEEL
FAFYTEQERQIREKLDFLSALEQTISLVKKRMKRQMEYPALGEVFVLDEEEIRIIQTEAEGIGPENVLNASYSKLKKFIE
SADGFTNNSYGATFSFQPYTSIDEMTYRHIFTPVLTNKQISSITPDMEITTIPKGRYACIAYNFSPEHYFLNLQKLIKYI
ADRQLTVVSDVYELIIPIHYSPKKQEEYRVEMKIRIAE
;
A
#
# COMPACT_ATOMS: atom_id res chain seq x y z
N GLU B 3 -12.23 30.66 47.39
CA GLU B 3 -11.04 30.36 48.19
C GLU B 3 -10.71 28.84 48.32
N SER B 4 -10.54 28.17 47.16
CA SER B 4 -10.23 26.72 47.07
C SER B 4 -9.13 26.36 46.09
N TYR B 5 -8.15 25.65 46.60
CA TYR B 5 -7.05 25.24 45.76
C TYR B 5 -7.02 23.72 45.67
N TYR B 6 -6.33 23.21 44.68
CA TYR B 6 -6.27 21.78 44.51
C TYR B 6 -4.85 21.23 44.36
N SER B 7 -4.55 20.18 45.14
CA SER B 7 -3.22 19.58 45.05
C SER B 7 -3.23 19.03 43.67
N ILE B 8 -2.04 19.03 43.07
CA ILE B 8 -1.86 18.55 41.72
C ILE B 8 -2.59 17.19 41.53
N GLY B 9 -2.41 16.31 42.53
CA GLY B 9 -3.06 15.01 42.52
C GLY B 9 -4.52 15.22 42.35
N GLU B 10 -5.08 16.00 43.27
CA GLU B 10 -6.49 16.36 43.29
C GLU B 10 -6.90 16.70 41.85
N VAL B 11 -6.10 17.54 41.24
CA VAL B 11 -6.39 17.92 39.89
C VAL B 11 -6.45 16.67 39.02
N SER B 12 -5.33 15.95 38.96
CA SER B 12 -5.20 14.73 38.17
C SER B 12 -6.39 13.87 38.41
N LYS B 13 -7.00 14.03 39.56
CA LYS B 13 -8.16 13.25 39.92
C LYS B 13 -9.43 13.84 39.32
N LEU B 14 -9.60 15.14 39.51
CA LEU B 14 -10.76 15.90 39.03
C LEU B 14 -10.94 15.91 37.54
N ALA B 15 -9.87 16.25 36.84
CA ALA B 15 -9.90 16.26 35.41
C ALA B 15 -9.20 14.98 35.32
N ASN B 16 -9.45 14.21 34.30
CA ASN B 16 -8.74 12.98 34.28
C ASN B 16 -7.37 13.26 33.69
N VAL B 17 -6.39 13.42 34.58
CA VAL B 17 -5.03 13.68 34.15
C VAL B 17 -3.80 13.07 34.81
N SER B 18 -2.89 12.61 33.94
CA SER B 18 -1.62 12.00 34.33
C SER B 18 -0.85 13.14 34.91
N ILE B 19 -0.35 12.95 36.11
CA ILE B 19 0.39 14.01 36.73
C ILE B 19 1.49 14.41 35.84
N LYS B 20 2.26 13.40 35.47
CA LYS B 20 3.38 13.60 34.59
C LYS B 20 2.86 14.49 33.48
N ALA B 21 1.64 14.18 33.01
CA ALA B 21 0.97 14.93 31.95
C ALA B 21 0.80 16.38 32.27
N LEU B 22 0.25 16.70 33.44
CA LEU B 22 0.11 18.12 33.73
C LEU B 22 1.43 18.80 34.10
N ARG B 23 2.29 18.03 34.74
CA ARG B 23 3.56 18.57 35.13
C ARG B 23 4.19 18.95 33.79
N TYR B 24 3.93 18.13 32.79
CA TYR B 24 4.50 18.40 31.50
C TYR B 24 3.93 19.69 30.93
N TYR B 25 2.64 19.88 31.15
CA TYR B 25 1.97 21.08 30.66
C TYR B 25 2.43 22.33 31.33
N ASP B 26 2.86 22.17 32.57
CA ASP B 26 3.36 23.29 33.34
C ASP B 26 4.65 23.73 32.66
N LYS B 27 5.57 22.80 32.44
CA LYS B 27 6.84 23.15 31.79
C LYS B 27 6.63 23.51 30.33
N ILE B 28 5.69 22.81 29.71
CA ILE B 28 5.36 23.01 28.32
C ILE B 28 4.91 24.45 28.28
N ASP B 29 4.40 24.88 29.43
CA ASP B 29 3.91 26.22 29.58
C ASP B 29 2.60 26.42 28.88
N LEU B 30 1.67 25.51 29.16
CA LEU B 30 0.32 25.51 28.63
C LEU B 30 -0.37 25.62 29.99
N PHE B 31 -0.81 24.51 30.56
CA PHE B 31 -1.42 24.56 31.86
C PHE B 31 -0.33 24.72 33.01
N LYS B 32 -0.30 25.93 33.56
CA LYS B 32 0.63 26.24 34.61
C LYS B 32 -0.20 26.22 35.89
N PRO B 33 0.47 25.91 37.01
CA PRO B 33 -0.20 25.87 38.29
C PRO B 33 -0.67 27.26 38.52
N ALA B 34 -1.60 27.41 39.42
CA ALA B 34 -2.04 28.74 39.66
C ALA B 34 -0.82 29.25 40.40
N TYR B 35 -0.37 28.46 41.39
CA TYR B 35 0.78 28.86 42.14
C TYR B 35 1.63 27.72 42.56
N VAL B 36 2.88 28.09 42.83
CA VAL B 36 3.94 27.20 43.24
C VAL B 36 4.56 27.61 44.57
N ASP B 37 4.45 26.73 45.58
CA ASP B 37 5.01 27.00 46.90
C ASP B 37 6.51 26.99 46.66
N PRO B 38 7.15 28.14 46.70
CA PRO B 38 8.58 28.22 46.46
C PRO B 38 9.42 27.69 47.60
N ASP B 39 8.98 26.60 48.20
CA ASP B 39 9.73 26.01 49.28
C ASP B 39 9.69 24.55 49.02
N THR B 40 8.47 24.10 48.73
CA THR B 40 8.15 22.74 48.44
C THR B 40 7.98 22.52 46.90
N SER B 41 8.09 23.62 46.15
CA SER B 41 7.93 23.68 44.68
C SER B 41 6.65 22.95 44.19
N TYR B 42 5.79 22.61 45.18
CA TYR B 42 4.56 21.93 44.91
C TYR B 42 3.82 22.85 44.00
N ARG B 43 2.90 22.28 43.25
CA ARG B 43 2.11 23.07 42.35
C ARG B 43 0.67 23.00 42.93
N TYR B 44 -0.04 24.13 42.93
CA TYR B 44 -1.40 24.16 43.45
C TYR B 44 -2.23 24.94 42.47
N TYR B 45 -3.29 24.34 41.97
CA TYR B 45 -4.13 25.00 41.02
C TYR B 45 -5.44 25.57 41.59
N THR B 46 -5.98 26.51 40.83
CA THR B 46 -7.21 27.16 41.20
C THR B 46 -8.40 26.48 40.55
N ASP B 47 -9.50 26.39 41.33
CA ASP B 47 -10.73 25.77 40.86
C ASP B 47 -11.05 26.40 39.48
N SER B 48 -10.88 27.70 39.34
CA SER B 48 -11.16 28.32 38.04
C SER B 48 -10.38 27.65 36.89
N GLN B 49 -9.07 27.51 37.11
CA GLN B 49 -8.17 26.90 36.16
C GLN B 49 -8.76 25.74 35.32
N LEU B 50 -9.38 24.80 36.01
CA LEU B 50 -10.01 23.60 35.47
C LEU B 50 -10.52 23.68 34.05
N ILE B 51 -11.33 24.69 33.87
CA ILE B 51 -11.94 24.95 32.62
C ILE B 51 -10.93 24.93 31.47
N HIS B 52 -9.73 25.44 31.74
CA HIS B 52 -8.65 25.47 30.75
C HIS B 52 -8.37 24.09 30.28
N LEU B 53 -8.40 23.18 31.25
CA LEU B 53 -8.18 21.78 31.02
C LEU B 53 -9.21 21.17 30.11
N ASP B 54 -10.11 21.99 29.58
CA ASP B 54 -11.11 21.45 28.71
C ASP B 54 -10.53 21.50 27.32
N LEU B 55 -10.46 22.69 26.75
CA LEU B 55 -9.88 22.87 25.44
C LEU B 55 -8.64 22.00 25.23
N ILE B 56 -7.72 21.91 26.21
CA ILE B 56 -6.54 21.04 26.01
C ILE B 56 -7.06 19.65 25.82
N LYS B 57 -7.78 19.15 26.83
CA LYS B 57 -8.39 17.81 26.80
C LYS B 57 -9.11 17.55 25.48
N SER B 58 -9.98 18.46 25.10
CA SER B 58 -10.74 18.33 23.86
C SER B 58 -9.79 18.30 22.71
N LEU B 59 -8.90 19.25 22.73
CA LEU B 59 -7.91 19.38 21.71
C LEU B 59 -7.11 18.12 21.54
N LYS B 60 -6.68 17.58 22.66
CA LYS B 60 -5.91 16.40 22.65
C LYS B 60 -6.68 15.27 21.99
N TYR B 61 -7.95 15.15 22.37
CA TYR B 61 -8.78 14.11 21.81
C TYR B 61 -8.77 14.17 20.33
N ILE B 62 -9.10 15.33 19.79
CA ILE B 62 -9.11 15.49 18.37
C ILE B 62 -7.76 15.19 17.79
N GLY B 63 -6.76 15.14 18.66
CA GLY B 63 -5.40 14.84 18.24
C GLY B 63 -4.66 16.03 17.65
N THR B 64 -4.72 17.18 18.30
CA THR B 64 -4.03 18.37 17.81
C THR B 64 -2.77 18.57 18.63
N PRO B 65 -1.65 18.64 17.94
CA PRO B 65 -0.37 18.83 18.57
C PRO B 65 -0.40 20.02 19.54
N LEU B 66 0.14 19.79 20.73
CA LEU B 66 0.21 20.80 21.79
C LEU B 66 0.52 22.22 21.38
N GLU B 67 1.67 22.45 20.74
CA GLU B 67 2.02 23.79 20.35
C GLU B 67 0.89 24.52 19.60
N GLU B 68 0.18 23.82 18.74
CA GLU B 68 -0.92 24.47 18.03
C GLU B 68 -1.97 24.84 19.13
N MET B 69 -2.20 23.89 20.05
CA MET B 69 -3.15 24.06 21.18
C MET B 69 -2.88 25.40 21.87
N LYS B 70 -1.58 25.75 21.96
CA LYS B 70 -1.16 27.00 22.58
C LYS B 70 -1.92 28.13 21.83
N LYS B 71 -1.53 28.38 20.59
CA LYS B 71 -2.19 29.42 19.78
C LYS B 71 -3.72 29.31 19.78
N ALA B 72 -4.22 28.09 19.92
CA ALA B 72 -5.65 27.83 19.92
C ALA B 72 -6.40 28.41 21.09
N GLN B 73 -5.74 28.45 22.22
CA GLN B 73 -6.37 28.96 23.41
C GLN B 73 -6.71 30.42 23.44
N ASP B 74 -5.86 31.23 22.85
CA ASP B 74 -6.11 32.63 22.85
C ASP B 74 -7.41 33.03 22.18
N LEU B 75 -7.64 32.50 20.99
CA LEU B 75 -8.86 32.85 20.26
C LEU B 75 -10.20 32.75 20.95
N GLU B 76 -11.17 33.47 20.36
CA GLU B 76 -12.55 33.53 20.85
C GLU B 76 -13.46 32.69 19.94
N MET B 77 -14.64 32.34 20.47
CA MET B 77 -15.64 31.52 19.78
C MET B 77 -15.61 31.44 18.25
N GLU B 78 -16.18 32.45 17.59
CA GLU B 78 -16.22 32.47 16.15
C GLU B 78 -14.87 32.20 15.50
N GLU B 79 -13.81 32.46 16.24
CA GLU B 79 -12.49 32.23 15.74
C GLU B 79 -12.22 30.72 15.84
N LEU B 80 -12.07 30.27 17.09
CA LEU B 80 -11.82 28.88 17.45
C LEU B 80 -12.71 27.97 16.60
N PHE B 81 -13.91 28.46 16.33
CA PHE B 81 -14.88 27.76 15.53
C PHE B 81 -14.23 27.35 14.21
N ALA B 82 -13.72 28.33 13.48
CA ALA B 82 -13.05 28.11 12.19
C ALA B 82 -12.00 27.03 12.37
N PHE B 83 -11.24 27.22 13.43
CA PHE B 83 -10.18 26.33 13.81
C PHE B 83 -10.75 24.93 13.83
N TYR B 84 -11.84 24.81 14.55
CA TYR B 84 -12.51 23.57 14.67
C TYR B 84 -12.78 23.03 13.27
N THR B 85 -13.32 23.88 12.39
CA THR B 85 -13.60 23.44 11.04
C THR B 85 -12.34 22.93 10.37
N GLU B 86 -11.20 23.59 10.63
CA GLU B 86 -9.94 23.17 10.03
C GLU B 86 -9.74 21.70 10.38
N GLN B 87 -9.81 21.47 11.69
CA GLN B 87 -9.65 20.17 12.34
C GLN B 87 -10.60 19.17 11.72
N GLU B 88 -11.65 19.72 11.13
CA GLU B 88 -12.66 18.92 10.50
C GLU B 88 -12.25 18.45 9.12
N ARG B 89 -11.87 19.38 8.24
CA ARG B 89 -11.47 19.00 6.89
C ARG B 89 -10.41 17.98 7.08
N GLN B 90 -9.57 18.26 8.08
CA GLN B 90 -8.45 17.43 8.48
C GLN B 90 -8.89 16.01 8.75
N ILE B 91 -9.67 15.84 9.85
CA ILE B 91 -10.23 14.53 10.29
C ILE B 91 -10.82 13.91 9.01
N ARG B 92 -11.75 14.64 8.41
CA ARG B 92 -12.41 14.21 7.17
C ARG B 92 -11.47 13.96 5.98
N GLU B 93 -10.16 14.06 6.18
CA GLU B 93 -9.22 13.83 5.09
C GLU B 93 -8.41 12.54 5.30
N LYS B 94 -8.01 12.30 6.54
CA LYS B 94 -7.27 11.11 6.82
C LYS B 94 -8.28 10.07 6.42
N LEU B 95 -9.54 10.39 6.72
CA LEU B 95 -10.70 9.55 6.44
C LEU B 95 -10.61 8.91 5.13
N ASP B 96 -10.87 9.72 4.11
CA ASP B 96 -10.82 9.20 2.75
C ASP B 96 -9.44 8.74 2.30
N PHE B 97 -8.38 9.23 2.93
CA PHE B 97 -7.08 8.76 2.52
C PHE B 97 -7.07 7.32 2.87
N LEU B 98 -7.10 7.14 4.18
CA LEU B 98 -7.11 5.88 4.82
C LEU B 98 -8.11 4.92 4.18
N SER B 99 -9.38 5.33 4.18
CA SER B 99 -10.45 4.53 3.61
C SER B 99 -10.09 3.97 2.26
N ALA B 100 -9.32 4.75 1.53
CA ALA B 100 -8.91 4.35 0.22
C ALA B 100 -8.22 3.01 0.32
N LEU B 101 -7.07 3.01 0.97
CA LEU B 101 -6.30 1.79 1.13
C LEU B 101 -7.10 0.67 1.55
N GLU B 102 -8.08 0.97 2.39
CA GLU B 102 -8.96 -0.02 2.89
C GLU B 102 -9.37 -0.91 1.73
N GLN B 103 -9.80 -0.29 0.63
CA GLN B 103 -10.21 -1.06 -0.55
C GLN B 103 -8.98 -1.59 -1.27
N THR B 104 -7.94 -0.79 -1.30
CA THR B 104 -6.75 -1.22 -1.97
C THR B 104 -6.26 -2.57 -1.45
N ILE B 105 -6.24 -2.68 -0.13
CA ILE B 105 -5.81 -3.88 0.51
C ILE B 105 -6.60 -5.05 0.02
N SER B 106 -7.91 -4.84 0.08
CA SER B 106 -8.85 -5.83 -0.31
C SER B 106 -8.45 -6.37 -1.65
N LEU B 107 -8.06 -5.48 -2.56
CA LEU B 107 -7.65 -5.89 -3.89
C LEU B 107 -6.45 -6.81 -3.71
N VAL B 108 -5.42 -6.31 -3.05
CA VAL B 108 -4.20 -7.09 -2.82
C VAL B 108 -4.47 -8.45 -2.26
N LYS B 109 -5.35 -8.52 -1.30
CA LYS B 109 -5.68 -9.80 -0.72
C LYS B 109 -6.42 -10.71 -1.76
N LYS B 110 -7.56 -10.21 -2.29
CA LYS B 110 -8.37 -10.94 -3.30
C LYS B 110 -7.43 -11.51 -4.36
N ARG B 111 -6.28 -10.83 -4.53
CA ARG B 111 -5.25 -11.23 -5.48
C ARG B 111 -4.34 -12.29 -4.82
N MET B 112 -3.80 -11.93 -3.66
CA MET B 112 -2.92 -12.79 -2.87
C MET B 112 -3.54 -14.15 -2.80
N LYS B 113 -4.75 -14.21 -2.23
CA LYS B 113 -5.49 -15.44 -2.10
C LYS B 113 -5.50 -16.21 -3.42
N ARG B 114 -6.07 -15.56 -4.44
CA ARG B 114 -6.20 -16.11 -5.79
C ARG B 114 -5.03 -16.94 -6.20
N GLN B 115 -3.85 -16.53 -5.76
CA GLN B 115 -2.62 -17.24 -6.06
C GLN B 115 -2.58 -18.54 -5.32
N MET B 116 -2.52 -18.47 -4.00
CA MET B 116 -2.46 -19.69 -3.21
C MET B 116 -3.52 -20.78 -3.59
N GLU B 117 -4.63 -20.33 -4.16
CA GLU B 117 -5.71 -21.22 -4.56
C GLU B 117 -5.43 -22.07 -5.77
N TYR B 118 -4.34 -21.77 -6.48
CA TYR B 118 -3.96 -22.54 -7.67
C TYR B 118 -3.88 -23.97 -7.19
N PRO B 119 -4.86 -24.71 -7.64
CA PRO B 119 -5.05 -26.10 -7.33
C PRO B 119 -4.09 -27.03 -8.04
N ALA B 120 -3.81 -26.72 -9.29
CA ALA B 120 -2.92 -27.54 -10.10
C ALA B 120 -1.48 -27.03 -10.09
N LEU B 121 -0.89 -26.86 -8.91
CA LEU B 121 0.49 -26.40 -8.88
C LEU B 121 1.33 -27.41 -9.62
N GLY B 122 1.88 -26.99 -10.75
CA GLY B 122 2.69 -27.88 -11.53
C GLY B 122 2.09 -28.14 -12.89
N GLU B 123 0.80 -28.43 -12.96
CA GLU B 123 0.18 -28.69 -14.28
C GLU B 123 -0.61 -27.54 -14.86
N VAL B 124 -0.89 -27.64 -16.17
CA VAL B 124 -1.66 -26.59 -16.86
C VAL B 124 -3.11 -26.59 -16.40
N PHE B 125 -3.65 -25.39 -16.21
CA PHE B 125 -5.03 -25.24 -15.80
C PHE B 125 -5.69 -24.21 -16.76
N VAL B 126 -6.97 -24.44 -17.08
CA VAL B 126 -7.70 -23.55 -17.97
C VAL B 126 -8.84 -22.85 -17.25
N LEU B 127 -9.10 -21.61 -17.60
CA LEU B 127 -10.17 -20.88 -16.94
C LEU B 127 -10.67 -19.54 -17.46
N ASP B 128 -11.63 -19.06 -16.68
CA ASP B 128 -12.30 -17.81 -16.91
C ASP B 128 -11.72 -16.92 -15.87
N GLU B 129 -10.98 -15.93 -16.37
CA GLU B 129 -10.32 -14.94 -15.55
C GLU B 129 -11.00 -13.60 -15.70
N GLU B 130 -10.72 -12.71 -14.74
CA GLU B 130 -11.28 -11.39 -14.74
C GLU B 130 -10.18 -10.54 -15.33
N GLU B 131 -10.53 -9.34 -15.81
CA GLU B 131 -9.55 -8.45 -16.42
C GLU B 131 -8.50 -7.82 -15.49
N ILE B 132 -7.36 -7.44 -16.07
CA ILE B 132 -6.28 -6.82 -15.28
C ILE B 132 -5.65 -5.52 -15.77
N ARG B 133 -6.19 -4.43 -15.21
CA ARG B 133 -5.71 -3.10 -15.52
C ARG B 133 -4.22 -3.23 -15.11
N ILE B 134 -3.36 -2.80 -16.02
CA ILE B 134 -1.92 -2.85 -15.82
C ILE B 134 -1.23 -1.92 -16.80
N ILE B 135 -0.13 -1.31 -16.41
CA ILE B 135 0.54 -0.46 -17.38
C ILE B 135 1.85 -1.14 -17.64
N GLN B 136 2.30 -1.09 -18.87
CA GLN B 136 3.55 -1.74 -19.21
C GLN B 136 4.29 -0.90 -20.19
N THR B 137 5.49 -1.36 -20.54
CA THR B 137 6.31 -0.66 -21.49
C THR B 137 6.80 -1.68 -22.53
N GLU B 138 7.79 -1.30 -23.34
CA GLU B 138 8.33 -2.19 -24.36
C GLU B 138 9.78 -2.57 -24.00
N ALA B 139 9.96 -3.74 -23.35
CA ALA B 139 11.29 -4.22 -22.97
C ALA B 139 12.27 -4.17 -24.18
N GLU B 140 13.23 -3.26 -24.13
CA GLU B 140 14.18 -3.08 -25.22
C GLU B 140 15.21 -4.18 -25.40
N GLY B 141 14.75 -5.39 -25.62
CA GLY B 141 15.67 -6.49 -25.82
C GLY B 141 15.79 -7.33 -24.58
N ILE B 142 15.07 -6.96 -23.52
CA ILE B 142 15.16 -7.76 -22.32
C ILE B 142 14.68 -9.21 -22.61
N GLY B 143 15.48 -10.18 -22.16
CA GLY B 143 15.19 -11.58 -22.34
C GLY B 143 15.11 -12.18 -20.95
N PRO B 144 14.48 -13.33 -20.85
CA PRO B 144 14.30 -14.03 -19.57
C PRO B 144 15.63 -14.15 -18.85
N GLU B 145 16.70 -14.04 -19.61
CA GLU B 145 18.01 -14.13 -18.99
C GLU B 145 18.39 -12.79 -18.37
N ASN B 146 18.42 -11.76 -19.19
CA ASN B 146 18.77 -10.45 -18.75
C ASN B 146 17.93 -9.71 -17.69
N VAL B 147 16.61 -9.67 -17.87
CA VAL B 147 15.63 -8.99 -16.97
C VAL B 147 16.12 -8.67 -15.57
N LEU B 148 15.94 -7.44 -15.10
CA LEU B 148 16.41 -7.10 -13.74
C LEU B 148 15.36 -6.70 -12.73
N ASN B 149 15.53 -5.49 -12.24
CA ASN B 149 14.61 -4.96 -11.27
C ASN B 149 14.77 -3.58 -11.70
N ALA B 150 16.02 -3.26 -11.94
CA ALA B 150 16.43 -1.95 -12.38
C ALA B 150 15.60 -1.71 -13.61
N SER B 151 15.57 -2.73 -14.44
CA SER B 151 14.83 -2.75 -15.69
C SER B 151 13.34 -2.33 -15.45
N TYR B 152 12.93 -2.30 -14.20
CA TYR B 152 11.59 -1.95 -13.88
C TYR B 152 11.37 -0.56 -13.38
N SER B 153 12.15 -0.17 -12.38
CA SER B 153 12.12 1.15 -11.74
C SER B 153 11.04 2.15 -12.18
N LYS B 154 11.17 2.69 -13.39
CA LYS B 154 10.19 3.67 -13.91
C LYS B 154 8.75 3.23 -13.61
N LEU B 155 8.35 2.14 -14.26
CA LEU B 155 7.02 1.56 -14.09
C LEU B 155 6.78 1.46 -12.56
N LYS B 156 7.84 1.09 -11.83
CA LYS B 156 7.71 0.97 -10.40
C LYS B 156 7.25 2.30 -9.83
N LYS B 157 8.15 3.29 -9.86
CA LYS B 157 7.92 4.67 -9.36
C LYS B 157 6.53 5.11 -9.69
N PHE B 158 6.14 4.85 -10.90
CA PHE B 158 4.84 5.22 -11.31
C PHE B 158 3.78 4.58 -10.42
N ILE B 159 3.65 3.27 -10.50
CA ILE B 159 2.65 2.55 -9.70
C ILE B 159 2.60 2.97 -8.26
N GLU B 160 3.74 3.32 -7.67
CA GLU B 160 3.73 3.76 -6.26
C GLU B 160 3.04 5.14 -6.16
N SER B 161 3.36 6.02 -7.11
CA SER B 161 2.77 7.35 -7.10
C SER B 161 1.25 7.26 -7.09
N ALA B 162 0.74 6.37 -7.94
CA ALA B 162 -0.69 6.18 -8.09
C ALA B 162 -1.38 5.22 -7.19
N ASP B 163 -0.69 4.18 -6.78
CA ASP B 163 -1.30 3.19 -5.93
C ASP B 163 -0.94 3.38 -4.47
N GLY B 164 0.25 3.91 -4.27
CA GLY B 164 0.78 4.13 -2.93
C GLY B 164 1.48 2.79 -2.66
N PHE B 165 0.74 1.73 -2.95
CA PHE B 165 1.22 0.39 -2.78
C PHE B 165 2.08 0.03 -3.99
N THR B 166 3.26 -0.55 -3.74
CA THR B 166 4.21 -0.93 -4.81
C THR B 166 3.84 -2.21 -5.56
N ASN B 167 4.72 -2.60 -6.51
CA ASN B 167 4.50 -3.80 -7.30
C ASN B 167 4.68 -4.95 -6.32
N ASN B 168 3.79 -5.91 -6.42
CA ASN B 168 3.80 -7.09 -5.58
C ASN B 168 4.28 -8.15 -6.54
N SER B 169 3.48 -8.36 -7.56
CA SER B 169 3.78 -9.33 -8.57
C SER B 169 4.22 -8.61 -9.84
N TYR B 170 5.48 -8.89 -10.25
CA TYR B 170 6.13 -8.31 -11.46
C TYR B 170 5.78 -9.18 -12.66
N GLY B 171 5.72 -8.61 -13.87
CA GLY B 171 5.38 -9.44 -15.02
C GLY B 171 5.90 -8.96 -16.34
N ALA B 172 5.75 -9.79 -17.36
CA ALA B 172 6.20 -9.50 -18.72
C ALA B 172 5.55 -10.39 -19.78
N THR B 173 5.35 -9.83 -20.94
CA THR B 173 4.79 -10.61 -22.01
C THR B 173 5.91 -10.90 -22.98
N PHE B 174 5.68 -11.93 -23.77
CA PHE B 174 6.62 -12.36 -24.77
C PHE B 174 5.68 -13.05 -25.66
N SER B 175 6.09 -13.19 -26.93
CA SER B 175 5.35 -13.82 -28.01
C SER B 175 5.12 -15.28 -27.75
N PHE B 176 4.41 -15.91 -28.68
CA PHE B 176 4.13 -17.32 -28.54
C PHE B 176 4.76 -18.16 -29.63
N GLN B 177 5.76 -18.94 -29.29
CA GLN B 177 6.39 -19.77 -30.30
C GLN B 177 6.76 -21.13 -29.81
N PRO B 178 7.07 -22.00 -30.74
CA PRO B 178 7.46 -23.35 -30.42
C PRO B 178 8.95 -23.17 -30.22
N TYR B 179 9.30 -22.56 -29.10
CA TYR B 179 10.69 -22.33 -28.82
C TYR B 179 11.45 -23.60 -28.66
N THR B 180 12.70 -23.50 -29.02
CA THR B 180 13.66 -24.54 -28.95
C THR B 180 14.28 -24.37 -27.61
N SER B 181 14.86 -23.21 -27.37
CA SER B 181 15.47 -22.95 -26.07
C SER B 181 15.17 -21.60 -25.51
N ILE B 182 15.64 -21.37 -24.33
CA ILE B 182 15.41 -20.13 -23.67
C ILE B 182 16.00 -18.98 -24.45
N ASP B 183 17.25 -19.14 -24.84
CA ASP B 183 17.96 -18.13 -25.59
C ASP B 183 17.14 -17.80 -26.82
N GLU B 184 16.39 -18.80 -27.27
CA GLU B 184 15.57 -18.60 -28.44
C GLU B 184 14.62 -17.41 -28.11
N MET B 185 14.05 -17.43 -26.91
CA MET B 185 13.14 -16.37 -26.49
C MET B 185 13.70 -15.07 -25.94
N THR B 186 12.99 -13.99 -26.29
CA THR B 186 13.33 -12.62 -25.88
C THR B 186 12.02 -11.82 -25.58
N TYR B 187 11.97 -11.19 -24.39
CA TYR B 187 10.79 -10.42 -23.96
C TYR B 187 10.37 -9.22 -24.80
N ARG B 188 9.06 -9.05 -24.88
CA ARG B 188 8.41 -7.95 -25.62
C ARG B 188 8.22 -6.84 -24.59
N HIS B 189 7.00 -6.72 -24.08
CA HIS B 189 6.72 -5.71 -23.09
C HIS B 189 6.90 -6.33 -21.73
N ILE B 190 7.02 -5.49 -20.74
CA ILE B 190 7.12 -5.96 -19.37
C ILE B 190 6.07 -5.03 -18.74
N PHE B 191 5.29 -5.51 -17.82
CA PHE B 191 4.30 -4.63 -17.26
C PHE B 191 4.34 -4.73 -15.78
N THR B 192 3.26 -4.25 -15.23
CA THR B 192 3.02 -4.24 -13.83
C THR B 192 1.52 -4.07 -13.77
N PRO B 193 0.91 -4.73 -12.81
CA PRO B 193 -0.51 -4.63 -12.67
C PRO B 193 -0.79 -3.31 -11.97
N VAL B 194 -1.94 -2.73 -12.26
CA VAL B 194 -2.33 -1.46 -11.63
C VAL B 194 -3.65 -1.67 -10.89
N LEU B 195 -3.66 -1.24 -9.62
CA LEU B 195 -4.83 -1.36 -8.72
C LEU B 195 -5.61 -0.11 -8.34
N THR B 196 -4.95 1.05 -8.32
CA THR B 196 -5.65 2.29 -7.97
C THR B 196 -6.51 2.75 -9.17
N ASN B 197 -7.83 2.52 -9.07
CA ASN B 197 -8.79 2.90 -10.12
C ASN B 197 -8.78 4.36 -10.60
N LYS B 198 -8.31 5.26 -9.76
CA LYS B 198 -8.24 6.68 -10.07
C LYS B 198 -7.46 7.02 -11.34
N GLN B 199 -7.82 8.16 -11.93
CA GLN B 199 -7.19 8.66 -13.14
C GLN B 199 -5.67 8.60 -13.02
N ILE B 200 -5.06 7.64 -13.70
CA ILE B 200 -3.61 7.54 -13.63
C ILE B 200 -3.19 8.72 -14.48
N SER B 201 -2.60 9.71 -13.85
CA SER B 201 -2.19 10.88 -14.62
C SER B 201 -0.69 11.00 -14.78
N SER B 202 -0.28 12.01 -15.54
CA SER B 202 1.13 12.31 -15.82
C SER B 202 1.96 11.20 -16.47
N ILE B 203 1.29 10.24 -17.08
CA ILE B 203 1.98 9.14 -17.73
C ILE B 203 2.79 9.62 -18.86
N THR B 204 4.08 9.44 -18.76
CA THR B 204 4.93 9.86 -19.84
C THR B 204 4.58 8.81 -20.88
N PRO B 205 4.34 9.26 -22.11
CA PRO B 205 3.97 8.44 -23.24
C PRO B 205 4.82 7.15 -23.46
N ASP B 206 5.90 6.99 -22.72
CA ASP B 206 6.67 5.80 -22.92
C ASP B 206 5.94 4.63 -22.23
N MET B 207 4.86 4.96 -21.57
CA MET B 207 4.14 3.93 -20.92
C MET B 207 2.88 3.80 -21.64
N GLU B 208 2.24 2.68 -21.39
CA GLU B 208 0.97 2.34 -21.96
C GLU B 208 0.20 1.83 -20.77
N ILE B 209 -1.03 2.29 -20.63
CA ILE B 209 -1.85 1.84 -19.53
C ILE B 209 -2.73 0.92 -20.31
N THR B 210 -2.84 -0.32 -19.85
CA THR B 210 -3.67 -1.33 -20.49
C THR B 210 -4.26 -2.44 -19.66
N THR B 211 -4.58 -3.55 -20.30
CA THR B 211 -5.16 -4.59 -19.55
C THR B 211 -5.09 -5.98 -20.10
N ILE B 212 -5.28 -6.94 -19.20
CA ILE B 212 -5.24 -8.32 -19.57
C ILE B 212 -6.70 -8.82 -19.63
N PRO B 213 -7.31 -8.53 -20.79
CA PRO B 213 -8.69 -8.85 -21.14
C PRO B 213 -9.24 -10.10 -20.50
N LYS B 214 -10.35 -9.95 -19.78
CA LYS B 214 -10.98 -11.09 -19.12
C LYS B 214 -11.40 -12.10 -20.22
N GLY B 215 -10.56 -13.12 -20.43
CA GLY B 215 -10.81 -14.15 -21.46
C GLY B 215 -10.49 -15.60 -21.03
N ARG B 216 -10.35 -16.49 -22.02
CA ARG B 216 -10.05 -17.88 -21.70
C ARG B 216 -8.60 -18.06 -21.47
N TYR B 217 -8.28 -18.66 -20.35
CA TYR B 217 -6.90 -18.84 -20.11
C TYR B 217 -6.36 -20.16 -19.84
N ALA B 218 -5.20 -20.34 -20.45
CA ALA B 218 -4.44 -21.52 -20.34
C ALA B 218 -3.24 -20.95 -19.64
N CYS B 219 -3.03 -21.43 -18.43
CA CYS B 219 -1.93 -20.97 -17.63
C CYS B 219 -1.55 -22.14 -16.79
N ILE B 220 -0.40 -22.01 -16.17
CA ILE B 220 0.15 -23.04 -15.30
C ILE B 220 1.06 -22.31 -14.33
N ALA B 221 1.26 -22.88 -13.14
CA ALA B 221 2.14 -22.20 -12.15
C ALA B 221 3.09 -23.04 -11.36
N TYR B 222 4.02 -22.35 -10.73
CA TYR B 222 4.99 -23.01 -9.92
C TYR B 222 5.92 -22.09 -9.21
N ASN B 223 7.02 -22.65 -8.84
CA ASN B 223 8.03 -21.91 -8.16
C ASN B 223 9.12 -22.02 -9.16
N PHE B 224 9.84 -20.95 -9.31
CA PHE B 224 10.90 -20.90 -10.26
C PHE B 224 12.04 -21.85 -10.00
N SER B 225 12.60 -22.30 -11.11
CA SER B 225 13.72 -23.22 -11.16
C SER B 225 13.98 -23.12 -12.63
N PRO B 226 15.21 -22.83 -12.97
CA PRO B 226 15.57 -22.70 -14.36
C PRO B 226 15.08 -23.94 -15.15
N GLU B 227 15.65 -25.11 -14.81
CA GLU B 227 15.32 -26.38 -15.44
C GLU B 227 13.84 -26.51 -15.51
N HIS B 228 13.19 -25.92 -14.51
CA HIS B 228 11.75 -25.96 -14.44
C HIS B 228 11.10 -25.18 -15.51
N TYR B 229 11.10 -23.86 -15.25
CA TYR B 229 10.56 -22.81 -16.08
C TYR B 229 10.36 -23.30 -17.46
N PHE B 230 11.46 -23.75 -18.03
CA PHE B 230 11.47 -24.29 -19.35
C PHE B 230 10.36 -25.30 -19.61
N LEU B 231 10.51 -26.48 -19.02
CA LEU B 231 9.54 -27.59 -19.19
C LEU B 231 8.14 -27.11 -19.12
N ASN B 232 7.85 -26.35 -18.08
CA ASN B 232 6.52 -25.85 -17.93
C ASN B 232 6.05 -25.06 -19.16
N LEU B 233 6.92 -24.24 -19.74
CA LEU B 233 6.50 -23.51 -20.94
C LEU B 233 6.17 -24.67 -21.96
N GLN B 234 7.04 -25.66 -21.92
CA GLN B 234 6.90 -26.77 -22.80
C GLN B 234 5.54 -27.45 -22.74
N LYS B 235 5.21 -27.91 -21.53
CA LYS B 235 3.96 -28.57 -21.22
C LYS B 235 2.94 -27.65 -21.81
N LEU B 236 3.14 -26.38 -21.54
CA LEU B 236 2.23 -25.38 -22.03
C LEU B 236 2.00 -25.49 -23.51
N ILE B 237 3.05 -25.16 -24.26
CA ILE B 237 2.98 -25.19 -25.72
C ILE B 237 2.30 -26.42 -26.22
N LYS B 238 2.80 -27.53 -25.69
CA LYS B 238 2.29 -28.84 -26.04
C LYS B 238 0.81 -28.85 -25.82
N TYR B 239 0.41 -28.56 -24.58
CA TYR B 239 -1.00 -28.55 -24.22
C TYR B 239 -1.89 -28.00 -25.32
N ILE B 240 -1.61 -26.77 -25.70
CA ILE B 240 -2.37 -26.11 -26.73
C ILE B 240 -2.37 -26.94 -27.96
N ALA B 241 -1.17 -27.11 -28.47
CA ALA B 241 -0.91 -27.85 -29.67
C ALA B 241 -1.73 -29.09 -29.69
N ASP B 242 -1.72 -29.79 -28.58
CA ASP B 242 -2.46 -31.01 -28.52
C ASP B 242 -3.94 -30.75 -28.73
N ARG B 243 -4.55 -30.05 -27.78
CA ARG B 243 -5.97 -29.75 -27.87
C ARG B 243 -6.22 -28.73 -28.92
N GLN B 244 -5.28 -28.63 -29.86
CA GLN B 244 -5.30 -27.73 -31.01
C GLN B 244 -6.04 -26.40 -30.91
N LEU B 245 -6.03 -25.79 -29.72
CA LEU B 245 -6.73 -24.53 -29.53
C LEU B 245 -6.07 -23.36 -30.23
N THR B 246 -6.85 -22.29 -30.36
CA THR B 246 -6.39 -21.09 -31.02
C THR B 246 -6.08 -19.97 -30.02
N VAL B 247 -4.79 -19.67 -29.93
CA VAL B 247 -4.24 -18.64 -29.04
C VAL B 247 -4.74 -17.25 -29.43
N VAL B 248 -4.55 -16.27 -28.55
CA VAL B 248 -5.04 -14.93 -28.90
C VAL B 248 -4.19 -13.75 -28.38
N SER B 249 -3.15 -14.07 -27.64
CA SER B 249 -2.29 -13.05 -27.10
C SER B 249 -0.91 -13.62 -26.97
N ASP B 250 -0.09 -12.89 -26.25
CA ASP B 250 1.25 -13.35 -26.04
C ASP B 250 1.23 -14.07 -24.70
N VAL B 251 2.38 -14.52 -24.30
CA VAL B 251 2.41 -15.18 -23.05
C VAL B 251 2.68 -14.27 -21.86
N TYR B 252 1.78 -14.34 -20.93
CA TYR B 252 1.91 -13.56 -19.79
C TYR B 252 2.57 -14.32 -18.75
N GLU B 253 3.85 -14.05 -18.58
CA GLU B 253 4.63 -14.72 -17.58
C GLU B 253 4.49 -13.68 -16.47
N LEU B 254 4.29 -14.16 -15.25
CA LEU B 254 4.11 -13.24 -14.13
C LEU B 254 4.59 -13.76 -12.79
N ILE B 255 5.82 -13.44 -12.47
CA ILE B 255 6.41 -13.88 -11.24
C ILE B 255 6.14 -13.04 -9.99
N ILE B 256 6.06 -13.73 -8.86
CA ILE B 256 5.83 -13.12 -7.57
C ILE B 256 6.71 -13.80 -6.55
N PRO B 257 7.42 -13.01 -5.76
CA PRO B 257 8.29 -13.52 -4.71
C PRO B 257 7.37 -14.17 -3.65
N ILE B 258 7.90 -15.18 -3.00
CA ILE B 258 7.17 -15.91 -2.00
C ILE B 258 7.40 -15.60 -0.54
N HIS B 259 8.49 -14.92 -0.21
CA HIS B 259 8.74 -14.64 1.19
C HIS B 259 9.25 -13.28 1.65
N TYR B 260 10.21 -12.70 0.92
CA TYR B 260 10.78 -11.40 1.27
C TYR B 260 11.77 -11.53 2.38
N SER B 261 12.15 -12.75 2.73
CA SER B 261 13.11 -12.83 3.79
C SER B 261 14.41 -12.65 3.12
N PRO B 262 15.29 -11.96 3.80
CA PRO B 262 16.61 -11.69 3.27
C PRO B 262 17.46 -12.71 3.94
N LYS B 263 16.97 -13.11 5.11
CA LYS B 263 17.63 -14.10 5.89
C LYS B 263 17.85 -15.33 5.03
N LYS B 264 17.06 -15.47 3.96
CA LYS B 264 17.23 -16.64 3.12
C LYS B 264 16.78 -16.77 1.68
N GLN B 265 17.63 -17.41 0.88
CA GLN B 265 17.49 -17.73 -0.56
C GLN B 265 16.10 -17.64 -1.12
N GLU B 266 15.85 -16.55 -1.82
CA GLU B 266 14.56 -16.26 -2.43
C GLU B 266 13.92 -17.18 -3.45
N GLU B 267 12.59 -17.16 -3.46
CA GLU B 267 11.78 -17.95 -4.36
C GLU B 267 10.59 -17.15 -4.85
N TYR B 268 10.04 -17.60 -5.97
CA TYR B 268 8.91 -16.90 -6.50
C TYR B 268 8.05 -17.79 -7.28
N ARG B 269 6.77 -17.67 -7.00
CA ARG B 269 5.81 -18.43 -7.69
C ARG B 269 5.73 -17.72 -9.05
N VAL B 270 5.87 -18.48 -10.13
CA VAL B 270 5.81 -17.95 -11.48
C VAL B 270 4.48 -18.39 -12.02
N GLU B 271 4.03 -17.75 -13.10
CA GLU B 271 2.75 -18.12 -13.71
C GLU B 271 2.63 -17.66 -15.14
N MET B 272 2.96 -18.55 -16.07
CA MET B 272 2.89 -18.20 -17.47
C MET B 272 1.53 -18.46 -18.00
N LYS B 273 1.06 -17.56 -18.86
CA LYS B 273 -0.26 -17.79 -19.40
C LYS B 273 -0.61 -17.21 -20.72
N ILE B 274 -1.50 -17.92 -21.38
CA ILE B 274 -1.95 -17.47 -22.67
C ILE B 274 -3.44 -17.49 -22.60
N ARG B 275 -4.04 -16.76 -23.50
CA ARG B 275 -5.46 -16.71 -23.55
C ARG B 275 -5.83 -17.41 -24.78
N ILE B 276 -7.07 -17.79 -24.85
CA ILE B 276 -7.49 -18.45 -26.03
C ILE B 276 -8.94 -18.33 -26.19
N ALA B 277 -9.40 -18.90 -27.30
CA ALA B 277 -10.81 -18.92 -27.66
C ALA B 277 -11.14 -20.36 -28.04
#